data_4AVU
#
_entry.id   4AVU
#
_cell.length_a   93.370
_cell.length_b   96.690
_cell.length_c   116.330
_cell.angle_alpha   90.00
_cell.angle_beta   90.00
_cell.angle_gamma   90.00
#
_symmetry.space_group_name_H-M   'C 2 2 21'
#
loop_
_entity.id
_entity.type
_entity.pdbx_description
1 polymer TANKYRASE-2
2 non-polymer 'ZINC ION'
3 non-polymer 'SULFATE ION'
4 non-polymer phenanthridin-6(5H)-one
5 non-polymer DI(HYDROXYETHYL)ETHER
6 non-polymer GLYCEROL
7 water water
#
_entity_poly.entity_id   1
_entity_poly.type   'polypeptide(L)'
_entity_poly.pdbx_seq_one_letter_code
;MHHHHHHSSGVDLGTENLYFQSMLNTSGSGTILIDLSPDDKEFQSVEEEMQSTVREHRDGGHAGGIFNRYNILKIQKVCN
KKLWERYTHRRKEVSEENHNHANERMLFHGSPFVNAIIHKGFDERHAYIGGMFGAGIYFAENSSKSNQYVYGIGGGTGCP
VHKDRSCYICHRQLLFCRVTLGKSFLQFSAMKMAHSPPGHHSVTGRPSVNGLALAEYVIYRGEQAYPEYLITYQIMRPEG
;
_entity_poly.pdbx_strand_id   A,B
#
loop_
_chem_comp.id
_chem_comp.type
_chem_comp.name
_chem_comp.formula
GOL non-polymer GLYCEROL 'C3 H8 O3'
LDR non-polymer phenanthridin-6(5H)-one 'C13 H9 N O'
PEG non-polymer DI(HYDROXYETHYL)ETHER 'C4 H10 O3'
SO4 non-polymer 'SULFATE ION' 'O4 S -2'
ZN non-polymer 'ZINC ION' 'Zn 2'
#
# COMPACT_ATOMS: atom_id res chain seq x y z
N GLY A 30 25.40 -27.49 9.24
CA GLY A 30 25.96 -26.30 9.92
C GLY A 30 25.09 -25.69 11.02
N THR A 31 23.76 -25.59 10.78
CA THR A 31 22.87 -24.90 11.72
C THR A 31 22.44 -25.88 12.80
N ILE A 32 22.53 -25.40 14.03
CA ILE A 32 21.91 -26.07 15.13
C ILE A 32 20.91 -25.11 15.88
N LEU A 33 19.82 -25.66 16.41
CA LEU A 33 18.78 -24.89 17.10
C LEU A 33 18.69 -25.26 18.59
N ILE A 34 18.76 -24.24 19.43
CA ILE A 34 18.71 -24.43 20.89
C ILE A 34 17.39 -23.91 21.45
N ASP A 35 16.61 -24.81 22.06
CA ASP A 35 15.39 -24.44 22.76
C ASP A 35 15.63 -23.56 23.93
N LEU A 36 14.93 -22.45 23.98
CA LEU A 36 15.01 -21.56 25.09
C LEU A 36 13.94 -21.99 26.05
N SER A 37 14.24 -22.01 27.34
CA SER A 37 13.24 -22.27 28.34
C SER A 37 12.32 -21.03 28.48
N PRO A 38 11.03 -21.24 28.74
CA PRO A 38 10.18 -20.07 28.92
C PRO A 38 10.45 -19.29 30.22
N ASP A 39 11.29 -19.88 31.09
CA ASP A 39 11.75 -19.27 32.32
C ASP A 39 13.03 -18.48 32.11
N ASP A 40 13.62 -18.60 30.93
CA ASP A 40 14.82 -17.86 30.62
C ASP A 40 14.40 -16.42 30.27
N LYS A 41 15.19 -15.44 30.70
CA LYS A 41 14.96 -14.03 30.36
C LYS A 41 15.00 -13.81 28.85
N GLU A 42 15.90 -14.51 28.18
CA GLU A 42 16.05 -14.34 26.77
C GLU A 42 14.72 -14.71 26.06
N PHE A 43 14.10 -15.81 26.48
CA PHE A 43 12.82 -16.20 25.93
C PHE A 43 11.82 -15.09 26.13
N GLN A 44 11.77 -14.58 27.35
CA GLN A 44 10.73 -13.65 27.74
C GLN A 44 10.84 -12.32 26.97
N SER A 45 12.05 -11.80 26.87
CA SER A 45 12.35 -10.63 26.07
C SER A 45 11.85 -10.76 24.63
N VAL A 46 12.16 -11.90 24.01
CA VAL A 46 11.72 -12.19 22.63
C VAL A 46 10.21 -12.33 22.52
N GLU A 47 9.57 -13.09 23.40
CA GLU A 47 8.11 -13.17 23.45
C GLU A 47 7.49 -11.80 23.58
N GLU A 48 7.97 -11.00 24.51
CA GLU A 48 7.42 -9.65 24.73
C GLU A 48 7.48 -8.75 23.45
N GLU A 49 8.59 -8.81 22.75
CA GLU A 49 8.76 -8.12 21.49
C GLU A 49 7.73 -8.62 20.43
N MET A 50 7.45 -9.89 20.45
CA MET A 50 6.45 -10.47 19.58
C MET A 50 5.04 -10.00 19.96
N GLN A 51 4.65 -10.14 21.22
CA GLN A 51 3.29 -9.78 21.67
C GLN A 51 3.01 -8.27 21.60
N SER A 52 4.02 -7.44 21.88
CA SER A 52 3.76 -6.04 22.09
C SER A 52 3.74 -5.26 20.78
N THR A 53 4.22 -5.85 19.70
CA THR A 53 4.18 -5.23 18.39
C THR A 53 3.11 -5.86 17.45
N VAL A 54 2.11 -6.54 18.01
CA VAL A 54 0.89 -6.81 17.24
C VAL A 54 0.09 -5.50 17.06
N ARG A 55 -0.41 -5.24 15.85
CA ARG A 55 -1.37 -4.18 15.63
C ARG A 55 -2.49 -4.67 14.75
N GLU A 56 -3.47 -3.80 14.55
CA GLU A 56 -4.52 -4.04 13.59
C GLU A 56 -4.04 -3.74 12.16
N HIS A 57 -4.52 -4.55 11.23
CA HIS A 57 -4.23 -4.32 9.84
C HIS A 57 -5.40 -3.86 9.03
N ARG A 58 -5.08 -2.99 8.08
CA ARG A 58 -6.02 -2.36 7.20
C ARG A 58 -6.82 -3.35 6.35
N ASP A 59 -6.36 -4.59 6.24
CA ASP A 59 -7.08 -5.61 5.47
C ASP A 59 -8.09 -6.38 6.33
N GLY A 60 -8.34 -5.89 7.54
CA GLY A 60 -9.29 -6.51 8.44
C GLY A 60 -8.96 -7.94 8.80
N GLY A 61 -7.68 -8.34 8.67
CA GLY A 61 -7.26 -9.71 8.90
C GLY A 61 -7.16 -10.64 7.69
N HIS A 62 -7.49 -10.14 6.49
CA HIS A 62 -7.46 -10.97 5.30
C HIS A 62 -6.19 -11.78 5.11
N ALA A 63 -5.03 -11.15 5.09
CA ALA A 63 -3.74 -11.85 4.81
C ALA A 63 -3.28 -12.72 6.00
N GLY A 64 -3.33 -12.15 7.19
CA GLY A 64 -2.69 -12.71 8.38
C GLY A 64 -3.59 -13.34 9.42
N GLY A 65 -4.90 -13.19 9.27
CA GLY A 65 -5.84 -13.62 10.31
C GLY A 65 -6.26 -12.53 11.29
N ILE A 66 -7.30 -12.83 12.07
CA ILE A 66 -7.91 -11.91 13.01
C ILE A 66 -7.40 -12.30 14.38
N PHE A 67 -6.68 -11.41 15.05
CA PHE A 67 -6.11 -11.73 16.38
C PHE A 67 -5.51 -10.50 17.04
N ASN A 68 -5.50 -10.48 18.37
CA ASN A 68 -4.74 -9.46 19.12
C ASN A 68 -3.47 -10.00 19.76
N ARG A 69 -3.38 -11.32 19.91
CA ARG A 69 -2.22 -11.91 20.56
C ARG A 69 -1.90 -13.32 20.04
N TYR A 70 -0.70 -13.83 20.40
CA TYR A 70 -0.22 -15.13 19.98
C TYR A 70 -0.13 -16.10 21.15
N ASN A 71 -0.27 -17.39 20.85
CA ASN A 71 0.13 -18.45 21.76
C ASN A 71 1.56 -18.86 21.40
N ILE A 72 2.56 -18.50 22.21
CA ILE A 72 3.93 -18.82 21.81
C ILE A 72 4.24 -20.27 22.20
N LEU A 73 4.54 -21.11 21.23
CA LEU A 73 4.73 -22.58 21.51
C LEU A 73 6.18 -22.94 21.74
N LYS A 74 7.10 -22.23 21.09
CA LYS A 74 8.55 -22.48 21.18
C LYS A 74 9.37 -21.29 20.62
N ILE A 75 10.49 -21.02 21.26
CA ILE A 75 11.48 -20.09 20.73
C ILE A 75 12.86 -20.74 20.69
N GLN A 76 13.49 -20.75 19.52
CA GLN A 76 14.76 -21.39 19.36
C GLN A 76 15.81 -20.41 18.89
N LYS A 77 17.01 -20.52 19.46
CA LYS A 77 18.17 -19.72 19.04
C LYS A 77 18.78 -20.44 17.84
N VAL A 78 18.99 -19.69 16.76
CA VAL A 78 19.58 -20.23 15.56
C VAL A 78 21.09 -19.99 15.62
N CYS A 79 21.86 -21.08 15.54
CA CYS A 79 23.30 -21.02 15.75
CA CYS A 79 23.30 -21.02 15.73
C CYS A 79 24.01 -21.64 14.54
N ASN A 80 24.59 -20.78 13.71
CA ASN A 80 25.37 -21.18 12.57
C ASN A 80 26.60 -20.28 12.36
N LYS A 81 27.77 -20.91 12.44
CA LYS A 81 29.05 -20.19 12.46
C LYS A 81 29.32 -19.45 11.16
N LYS A 82 29.23 -20.15 10.05
CA LYS A 82 29.48 -19.57 8.75
C LYS A 82 28.52 -18.40 8.48
N LEU A 83 27.25 -18.55 8.83
CA LEU A 83 26.28 -17.49 8.55
C LEU A 83 26.49 -16.30 9.49
N TRP A 84 26.82 -16.58 10.74
CA TRP A 84 27.14 -15.50 11.70
C TRP A 84 28.32 -14.68 11.23
N GLU A 85 29.44 -15.35 10.89
CA GLU A 85 30.64 -14.66 10.40
C GLU A 85 30.42 -13.92 9.10
N ARG A 86 29.56 -14.44 8.22
CA ARG A 86 29.16 -13.71 7.04
C ARG A 86 28.47 -12.41 7.42
N TYR A 87 27.65 -12.47 8.47
CA TYR A 87 26.90 -11.31 8.92
C TYR A 87 27.80 -10.25 9.52
N THR A 88 28.65 -10.66 10.46
CA THR A 88 29.51 -9.75 11.21
C THR A 88 30.57 -9.12 10.32
N HIS A 89 31.04 -9.86 9.33
CA HIS A 89 32.00 -9.33 8.37
C HIS A 89 31.35 -8.26 7.54
N ARG A 90 30.17 -8.53 7.03
CA ARG A 90 29.46 -7.50 6.30
C ARG A 90 29.13 -6.28 7.20
N ARG A 91 28.74 -6.53 8.45
CA ARG A 91 28.39 -5.46 9.41
C ARG A 91 29.52 -4.46 9.67
N LYS A 92 30.73 -4.98 9.89
CA LYS A 92 31.94 -4.14 9.98
C LYS A 92 32.10 -3.22 8.75
N GLU A 93 31.92 -3.77 7.56
CA GLU A 93 32.00 -2.98 6.34
C GLU A 93 31.02 -1.83 6.36
N VAL A 94 29.75 -2.13 6.65
CA VAL A 94 28.71 -1.11 6.71
C VAL A 94 29.02 -0.07 7.75
N SER A 95 29.41 -0.51 8.93
CA SER A 95 29.81 0.37 10.02
C SER A 95 30.85 1.38 9.56
N GLU A 96 31.89 0.88 8.90
CA GLU A 96 32.98 1.75 8.45
C GLU A 96 32.56 2.77 7.44
N GLU A 97 31.50 2.47 6.68
CA GLU A 97 30.96 3.41 5.72
C GLU A 97 29.87 4.33 6.28
N ASN A 98 29.63 4.27 7.59
CA ASN A 98 28.57 5.08 8.21
C ASN A 98 28.96 5.47 9.63
N HIS A 99 30.03 6.27 9.71
CA HIS A 99 30.53 6.80 10.97
C HIS A 99 30.48 5.80 12.07
N ASN A 100 31.11 4.65 11.80
CA ASN A 100 31.16 3.49 12.74
C ASN A 100 29.83 3.08 13.36
N HIS A 101 28.78 3.02 12.56
CA HIS A 101 27.45 2.75 13.03
C HIS A 101 26.72 1.80 12.13
N ALA A 102 26.74 0.52 12.49
CA ALA A 102 26.04 -0.55 11.75
C ALA A 102 24.53 -0.28 11.64
N ASN A 103 23.98 0.39 12.67
CA ASN A 103 22.55 0.72 12.76
C ASN A 103 21.79 -0.60 12.72
N GLU A 104 22.12 -1.43 13.73
CA GLU A 104 21.63 -2.79 13.86
C GLU A 104 20.34 -2.82 14.63
N ARG A 105 19.37 -3.51 14.07
CA ARG A 105 18.07 -3.63 14.67
C ARG A 105 17.76 -5.10 14.82
N MET A 106 16.75 -5.39 15.64
CA MET A 106 16.15 -6.70 15.68
C MET A 106 14.76 -6.53 15.06
N LEU A 107 14.48 -7.33 14.03
CA LEU A 107 13.30 -7.16 13.24
C LEU A 107 12.70 -8.51 12.83
N PHE A 108 11.38 -8.53 12.56
CA PHE A 108 10.68 -9.77 12.23
C PHE A 108 10.72 -10.07 10.74
N HIS A 109 10.66 -11.36 10.40
CA HIS A 109 10.55 -11.79 9.03
C HIS A 109 9.71 -13.03 8.93
N GLY A 110 8.66 -12.95 8.15
CA GLY A 110 7.77 -14.09 7.90
C GLY A 110 7.93 -14.60 6.47
N SER A 111 7.88 -15.91 6.32
CA SER A 111 8.08 -16.51 5.04
C SER A 111 7.72 -17.98 5.10
N PRO A 112 7.22 -18.52 3.98
CA PRO A 112 7.07 -19.97 3.94
C PRO A 112 8.41 -20.70 3.82
N PHE A 113 9.52 -19.99 3.57
CA PHE A 113 10.86 -20.61 3.42
C PHE A 113 11.81 -20.45 4.62
N VAL A 114 11.27 -20.25 5.83
CA VAL A 114 12.09 -20.10 7.01
C VAL A 114 13.03 -21.30 7.22
N ASN A 115 12.62 -22.53 6.88
CA ASN A 115 13.55 -23.66 6.96
C ASN A 115 14.77 -23.47 6.10
N ALA A 116 14.59 -23.00 4.87
CA ALA A 116 15.75 -22.68 4.03
C ALA A 116 16.60 -21.49 4.57
N ILE A 117 15.97 -20.46 5.15
CA ILE A 117 16.72 -19.32 5.69
C ILE A 117 17.62 -19.77 6.86
N ILE A 118 17.07 -20.48 7.82
CA ILE A 118 17.90 -20.89 8.97
C ILE A 118 19.08 -21.81 8.63
N HIS A 119 19.04 -22.51 7.51
CA HIS A 119 20.11 -23.45 7.14
C HIS A 119 21.09 -22.90 6.19
N LYS A 120 20.62 -22.15 5.20
CA LYS A 120 21.46 -21.62 4.13
C LYS A 120 21.61 -20.08 4.15
N GLY A 121 20.91 -19.42 5.08
CA GLY A 121 20.94 -17.97 5.18
C GLY A 121 20.03 -17.28 4.20
N PHE A 122 20.01 -15.95 4.24
CA PHE A 122 19.20 -15.10 3.37
C PHE A 122 19.91 -14.91 2.03
N ASP A 123 19.14 -14.88 0.95
CA ASP A 123 19.64 -14.51 -0.37
C ASP A 123 18.51 -13.98 -1.29
N GLU A 124 18.87 -13.59 -2.52
CA GLU A 124 17.91 -13.11 -3.54
C GLU A 124 16.61 -13.91 -3.69
N ARG A 125 16.64 -15.23 -3.49
CA ARG A 125 15.42 -16.04 -3.54
C ARG A 125 14.37 -15.58 -2.53
N HIS A 126 14.82 -14.94 -1.44
CA HIS A 126 13.91 -14.39 -0.42
C HIS A 126 13.51 -12.94 -0.67
N ALA A 127 14.01 -12.35 -1.77
CA ALA A 127 13.68 -10.98 -2.18
C ALA A 127 12.23 -10.86 -2.60
N TYR A 128 11.58 -9.78 -2.19
CA TYR A 128 10.25 -9.48 -2.61
C TYR A 128 10.29 -8.66 -3.91
N ILE A 129 10.15 -9.34 -5.04
CA ILE A 129 10.26 -8.73 -6.37
C ILE A 129 9.28 -7.57 -6.62
N GLY A 130 8.02 -7.72 -6.19
CA GLY A 130 7.03 -6.64 -6.32
C GLY A 130 6.95 -5.65 -5.16
N GLY A 131 8.01 -5.56 -4.37
CA GLY A 131 7.98 -4.72 -3.19
C GLY A 131 7.85 -3.24 -3.47
N MET A 132 7.11 -2.54 -2.62
CA MET A 132 6.95 -1.10 -2.74
C MET A 132 8.26 -0.32 -2.69
N PHE A 133 9.26 -0.83 -1.98
CA PHE A 133 10.58 -0.18 -1.93
C PHE A 133 11.64 -0.97 -2.66
N GLY A 134 11.25 -1.74 -3.67
CA GLY A 134 12.21 -2.43 -4.54
C GLY A 134 12.35 -3.93 -4.30
N ALA A 135 13.16 -4.61 -5.12
CA ALA A 135 13.38 -6.06 -4.98
C ALA A 135 14.49 -6.32 -3.96
N GLY A 136 14.11 -6.36 -2.69
CA GLY A 136 15.07 -6.67 -1.63
C GLY A 136 14.35 -7.47 -0.57
N ILE A 137 15.03 -7.72 0.55
CA ILE A 137 14.52 -8.60 1.59
C ILE A 137 13.88 -7.70 2.63
N TYR A 138 12.62 -7.94 2.91
CA TYR A 138 11.81 -7.02 3.72
C TYR A 138 11.71 -7.51 5.15
N PHE A 139 11.81 -6.56 6.09
CA PHE A 139 11.65 -6.85 7.52
C PHE A 139 10.68 -5.89 8.18
N ALA A 140 10.03 -6.35 9.25
CA ALA A 140 9.03 -5.51 9.95
C ALA A 140 9.26 -5.30 11.46
N GLU A 141 8.95 -4.10 11.95
CA GLU A 141 8.93 -3.86 13.40
C GLU A 141 7.68 -4.48 14.01
N ASN A 142 6.56 -4.53 13.27
CA ASN A 142 5.36 -5.19 13.75
C ASN A 142 5.38 -6.72 13.49
N SER A 143 5.40 -7.50 14.57
CA SER A 143 5.30 -8.92 14.40
C SER A 143 4.08 -9.28 13.54
N SER A 144 2.96 -8.59 13.76
CA SER A 144 1.76 -8.88 12.99
C SER A 144 1.99 -8.60 11.50
N LYS A 145 2.85 -7.67 11.15
CA LYS A 145 3.13 -7.44 9.71
C LYS A 145 3.86 -8.64 9.13
N SER A 146 4.93 -9.09 9.78
CA SER A 146 5.58 -10.29 9.29
C SER A 146 4.60 -11.47 9.27
N ASN A 147 3.59 -11.50 10.15
CA ASN A 147 2.68 -12.66 10.16
C ASN A 147 1.84 -12.77 8.90
N GLN A 148 1.65 -11.64 8.25
CA GLN A 148 0.96 -11.62 6.98
C GLN A 148 1.66 -12.41 5.85
N TYR A 149 2.95 -12.66 5.97
CA TYR A 149 3.71 -13.35 4.95
C TYR A 149 4.12 -14.79 5.32
N VAL A 150 3.59 -15.31 6.43
CA VAL A 150 4.01 -16.63 6.88
C VAL A 150 3.63 -17.70 5.85
N TYR A 151 2.43 -17.58 5.27
CA TYR A 151 1.99 -18.50 4.21
C TYR A 151 2.07 -17.96 2.76
N GLY A 152 2.95 -16.98 2.55
CA GLY A 152 3.20 -16.41 1.21
C GLY A 152 2.79 -14.96 1.14
N ILE A 153 2.97 -14.34 -0.02
CA ILE A 153 2.58 -12.93 -0.21
C ILE A 153 1.06 -12.83 -0.03
N GLY A 154 0.59 -11.78 0.63
CA GLY A 154 -0.82 -11.64 0.97
C GLY A 154 -1.45 -12.83 1.69
N GLY A 155 -0.65 -13.63 2.39
CA GLY A 155 -1.15 -14.80 3.12
C GLY A 155 -1.24 -16.08 2.29
N GLY A 156 -0.98 -15.97 0.97
CA GLY A 156 -1.08 -17.07 0.02
C GLY A 156 -2.46 -17.69 0.11
N THR A 157 -2.55 -19.01 0.09
CA THR A 157 -3.84 -19.69 0.29
C THR A 157 -4.07 -20.11 1.76
N GLY A 158 -3.31 -19.53 2.68
CA GLY A 158 -3.49 -19.81 4.11
C GLY A 158 -2.74 -21.07 4.55
N CYS A 159 -3.12 -21.65 5.69
CA CYS A 159 -2.38 -22.81 6.16
C CYS A 159 -2.52 -23.95 5.16
N PRO A 160 -1.43 -24.71 4.90
CA PRO A 160 -1.47 -25.93 4.07
C PRO A 160 -2.59 -26.92 4.45
N VAL A 161 -2.75 -27.22 5.74
CA VAL A 161 -3.74 -28.21 6.16
C VAL A 161 -5.20 -27.76 5.94
N HIS A 162 -5.56 -26.52 6.33
CA HIS A 162 -6.96 -26.05 6.17
C HIS A 162 -7.22 -25.02 5.09
N LYS A 163 -6.20 -24.56 4.38
CA LYS A 163 -6.34 -23.50 3.36
C LYS A 163 -7.05 -22.30 3.99
N ASP A 164 -6.70 -21.99 5.24
CA ASP A 164 -7.31 -20.91 6.02
C ASP A 164 -6.23 -19.91 6.47
N ARG A 165 -6.29 -18.69 5.95
CA ARG A 165 -5.36 -17.64 6.34
C ARG A 165 -5.51 -17.22 7.81
N SER A 166 -6.68 -17.45 8.40
CA SER A 166 -6.88 -17.13 9.82
C SER A 166 -6.86 -18.40 10.72
N CYS A 167 -6.27 -19.48 10.23
CA CYS A 167 -6.22 -20.71 11.00
C CYS A 167 -5.69 -20.46 12.41
N TYR A 168 -6.44 -20.90 13.41
CA TYR A 168 -6.02 -20.82 14.81
C TYR A 168 -5.37 -22.10 15.29
N ILE A 169 -5.36 -23.12 14.41
CA ILE A 169 -4.98 -24.47 14.79
C ILE A 169 -3.52 -24.71 14.43
N CYS A 170 -3.19 -24.48 13.18
CA CYS A 170 -1.84 -24.79 12.68
C CYS A 170 -0.74 -23.92 13.29
N HIS A 171 0.46 -24.48 13.32
CA HIS A 171 1.60 -23.83 13.91
C HIS A 171 2.24 -22.95 12.90
N ARG A 172 2.53 -21.71 13.30
CA ARG A 172 3.26 -20.78 12.47
C ARG A 172 4.65 -20.64 13.00
N GLN A 173 5.53 -20.28 12.09
CA GLN A 173 6.86 -19.82 12.44
C GLN A 173 7.17 -18.45 11.86
N LEU A 174 7.84 -17.61 12.66
CA LEU A 174 8.47 -16.36 12.17
C LEU A 174 9.94 -16.38 12.58
N LEU A 175 10.72 -15.48 11.98
CA LEU A 175 12.06 -15.19 12.45
C LEU A 175 12.15 -13.79 13.06
N PHE A 176 13.00 -13.70 14.07
CA PHE A 176 13.35 -12.47 14.72
C PHE A 176 14.84 -12.35 14.42
N CYS A 177 15.19 -11.41 13.54
CA CYS A 177 16.50 -11.32 12.93
C CYS A 177 17.32 -10.07 13.35
N ARG A 178 18.65 -10.21 13.34
CA ARG A 178 19.57 -9.12 13.55
C ARG A 178 19.84 -8.58 12.16
N VAL A 179 19.44 -7.33 11.92
CA VAL A 179 19.51 -6.77 10.61
C VAL A 179 20.38 -5.53 10.65
N THR A 180 21.39 -5.50 9.77
CA THR A 180 22.23 -4.30 9.62
C THR A 180 21.67 -3.32 8.62
N LEU A 181 21.24 -2.16 9.10
CA LEU A 181 20.62 -1.16 8.22
C LEU A 181 21.57 -0.12 7.64
N GLY A 182 22.67 0.10 8.33
CA GLY A 182 23.62 1.16 7.99
C GLY A 182 22.97 2.50 7.73
N LYS A 183 23.40 3.18 6.67
CA LYS A 183 22.72 4.39 6.24
C LYS A 183 21.49 3.99 5.47
N SER A 184 20.33 4.39 5.96
CA SER A 184 19.09 3.85 5.44
C SER A 184 18.32 4.97 4.77
N PHE A 185 17.95 4.77 3.51
CA PHE A 185 17.18 5.76 2.79
C PHE A 185 15.80 5.86 3.41
N LEU A 186 15.41 7.05 3.79
CA LEU A 186 14.12 7.26 4.41
C LEU A 186 13.09 7.52 3.34
N GLN A 187 12.13 6.61 3.23
CA GLN A 187 11.02 6.70 2.28
C GLN A 187 9.74 6.74 3.08
N PHE A 188 9.09 7.89 3.10
CA PHE A 188 7.78 8.03 3.69
C PHE A 188 6.84 7.34 2.72
N SER A 189 5.69 6.91 3.22
CA SER A 189 4.84 6.01 2.45
C SER A 189 3.40 6.06 2.91
N ALA A 190 2.50 6.06 1.93
CA ALA A 190 1.07 6.00 2.17
C ALA A 190 0.61 4.52 2.23
N MET A 193 17.49 -9.44 -7.58
CA MET A 193 17.69 -8.55 -6.43
C MET A 193 18.30 -7.19 -6.79
N ALA A 194 17.53 -6.12 -6.56
CA ALA A 194 17.96 -4.73 -6.85
C ALA A 194 19.16 -4.28 -6.02
N HIS A 195 19.49 -3.00 -6.14
CA HIS A 195 20.55 -2.38 -5.35
C HIS A 195 19.96 -1.39 -4.42
N SER A 196 20.58 -1.26 -3.25
CA SER A 196 20.42 -0.09 -2.41
C SER A 196 20.33 1.15 -3.30
N PRO A 197 19.64 2.20 -2.84
CA PRO A 197 19.94 3.53 -3.40
C PRO A 197 21.42 3.90 -3.20
N PRO A 198 22.05 4.60 -4.18
CA PRO A 198 23.47 4.96 -4.02
C PRO A 198 23.78 5.59 -2.63
N GLY A 199 24.91 5.21 -2.04
CA GLY A 199 25.31 5.72 -0.73
C GLY A 199 24.35 5.36 0.41
N HIS A 200 23.62 4.25 0.27
CA HIS A 200 22.74 3.76 1.34
C HIS A 200 22.93 2.28 1.43
N HIS A 201 22.65 1.72 2.61
CA HIS A 201 22.76 0.26 2.78
C HIS A 201 21.42 -0.45 2.91
N SER A 202 20.32 0.29 2.87
CA SER A 202 18.99 -0.24 3.12
C SER A 202 17.95 0.84 2.89
N VAL A 203 16.67 0.47 2.97
CA VAL A 203 15.61 1.43 2.88
C VAL A 203 14.68 1.29 4.09
N THR A 204 14.25 2.43 4.61
CA THR A 204 13.24 2.47 5.66
C THR A 204 11.94 2.91 5.03
N GLY A 205 10.94 2.03 5.04
CA GLY A 205 9.57 2.38 4.69
C GLY A 205 8.84 2.81 5.94
N ARG A 206 8.64 4.12 6.11
CA ARG A 206 7.99 4.65 7.30
C ARG A 206 6.60 5.09 6.88
N PRO A 207 5.55 4.45 7.42
CA PRO A 207 4.17 4.88 7.25
C PRO A 207 3.96 6.30 7.64
N SER A 208 3.34 7.09 6.74
CA SER A 208 2.97 8.50 7.00
C SER A 208 1.49 8.60 7.39
N VAL A 209 0.66 7.76 6.78
CA VAL A 209 -0.78 7.80 7.00
C VAL A 209 -1.21 7.11 8.33
N ASN A 210 -1.02 5.80 8.42
CA ASN A 210 -1.29 5.09 9.68
C ASN A 210 -0.21 5.38 10.73
N GLY A 211 -0.57 6.24 11.68
CA GLY A 211 0.33 6.64 12.77
C GLY A 211 0.61 5.48 13.73
N LEU A 212 -0.33 4.53 13.80
CA LEU A 212 -0.14 3.32 14.62
C LEU A 212 0.79 2.24 14.00
N ALA A 213 1.18 2.40 12.73
CA ALA A 213 1.96 1.38 12.02
C ALA A 213 3.45 1.67 12.16
N LEU A 214 4.22 0.63 12.48
CA LEU A 214 5.64 0.81 12.69
C LEU A 214 6.37 0.69 11.33
N ALA A 215 7.67 0.90 11.32
CA ALA A 215 8.49 0.93 10.12
C ALA A 215 8.69 -0.45 9.54
N GLU A 216 9.06 -0.48 8.26
CA GLU A 216 9.44 -1.70 7.53
C GLU A 216 10.75 -1.38 6.89
N TYR A 217 11.61 -2.36 6.68
CA TYR A 217 12.97 -2.09 6.24
C TYR A 217 13.39 -3.07 5.16
N VAL A 218 14.16 -2.64 4.19
CA VAL A 218 14.54 -3.51 3.12
C VAL A 218 16.05 -3.52 3.01
N ILE A 219 16.63 -4.72 2.84
CA ILE A 219 18.06 -4.86 2.56
C ILE A 219 18.23 -5.56 1.22
N TYR A 220 19.40 -5.35 0.63
CA TYR A 220 19.70 -5.81 -0.73
C TYR A 220 20.90 -6.74 -0.78
N ARG A 221 21.46 -7.08 0.37
CA ARG A 221 22.38 -8.24 0.48
C ARG A 221 21.86 -9.10 1.60
N GLY A 222 21.73 -10.39 1.33
CA GLY A 222 21.43 -11.37 2.35
C GLY A 222 22.37 -11.35 3.55
N GLU A 223 23.64 -11.00 3.33
CA GLU A 223 24.63 -10.95 4.44
C GLU A 223 24.31 -9.89 5.48
N GLN A 224 23.39 -8.99 5.21
CA GLN A 224 23.03 -7.97 6.21
C GLN A 224 21.94 -8.40 7.21
N ALA A 225 21.47 -9.64 7.19
CA ALA A 225 20.61 -10.13 8.24
C ALA A 225 21.11 -11.50 8.72
N TYR A 226 21.02 -11.73 10.01
CA TYR A 226 21.21 -13.06 10.59
C TYR A 226 19.87 -13.46 11.23
N PRO A 227 19.32 -14.61 10.82
CA PRO A 227 18.08 -15.08 11.40
C PRO A 227 18.28 -15.66 12.80
N GLU A 228 18.26 -14.81 13.82
CA GLU A 228 18.72 -15.21 15.13
C GLU A 228 17.80 -16.14 15.93
N TYR A 229 16.50 -15.88 15.91
CA TYR A 229 15.53 -16.63 16.68
C TYR A 229 14.43 -17.13 15.79
N LEU A 230 14.10 -18.43 15.88
CA LEU A 230 12.95 -19.04 15.20
C LEU A 230 11.83 -19.16 16.25
N ILE A 231 10.69 -18.52 16.00
CA ILE A 231 9.59 -18.49 16.94
C ILE A 231 8.41 -19.31 16.40
N THR A 232 7.97 -20.32 17.15
CA THR A 232 6.86 -21.15 16.73
C THR A 232 5.62 -20.74 17.57
N TYR A 233 4.51 -20.46 16.88
CA TYR A 233 3.34 -19.90 17.56
C TYR A 233 2.05 -20.23 16.86
N GLN A 234 0.96 -19.96 17.57
CA GLN A 234 -0.35 -19.83 16.93
C GLN A 234 -0.87 -18.41 17.13
N ILE A 235 -1.65 -17.90 16.19
CA ILE A 235 -2.46 -16.71 16.46
C ILE A 235 -3.65 -17.16 17.33
N MET A 236 -4.10 -16.31 18.24
CA MET A 236 -5.22 -16.65 19.14
C MET A 236 -6.52 -15.97 18.73
N ARG A 237 -7.60 -16.75 18.72
CA ARG A 237 -8.96 -16.21 18.46
C ARG A 237 -9.38 -15.28 19.61
N PRO A 238 -9.82 -14.06 19.30
CA PRO A 238 -10.23 -13.10 20.37
C PRO A 238 -11.51 -13.50 21.15
N GLU A 239 -11.52 -13.28 22.48
CA GLU A 239 -12.61 -13.72 23.38
C GLU A 239 -13.98 -13.53 22.77
N GLY B 30 -15.67 1.17 9.01
CA GLY B 30 -15.87 -0.23 8.52
C GLY B 30 -15.16 -0.58 7.20
N THR B 31 -14.17 0.21 6.78
CA THR B 31 -13.50 -0.10 5.51
C THR B 31 -12.41 -1.16 5.67
N ILE B 32 -12.33 -2.12 4.76
CA ILE B 32 -11.15 -2.98 4.71
C ILE B 32 -10.54 -2.89 3.30
N LEU B 33 -9.21 -2.88 3.22
CA LEU B 33 -8.51 -2.74 1.97
C LEU B 33 -7.94 -4.09 1.62
N ILE B 34 -8.27 -4.64 0.46
CA ILE B 34 -7.69 -5.88 0.00
C ILE B 34 -6.70 -5.58 -1.12
N ASP B 35 -5.42 -5.90 -0.88
CA ASP B 35 -4.40 -5.94 -1.92
C ASP B 35 -4.73 -6.87 -3.09
N LEU B 36 -4.58 -6.34 -4.30
CA LEU B 36 -4.62 -7.15 -5.49
C LEU B 36 -3.19 -7.51 -5.85
N SER B 37 -3.03 -8.69 -6.43
CA SER B 37 -1.75 -9.14 -6.88
C SER B 37 -1.49 -8.61 -8.30
N PRO B 38 -0.25 -8.18 -8.56
CA PRO B 38 0.21 -7.79 -9.90
C PRO B 38 -0.02 -8.85 -11.00
N ASP B 39 -0.14 -10.12 -10.61
CA ASP B 39 -0.45 -11.23 -11.50
C ASP B 39 -1.95 -11.40 -11.77
N ASP B 40 -2.79 -10.75 -10.97
CA ASP B 40 -4.25 -10.78 -11.12
C ASP B 40 -4.61 -9.90 -12.32
N LYS B 41 -5.52 -10.36 -13.17
CA LYS B 41 -5.99 -9.56 -14.29
C LYS B 41 -6.66 -8.25 -13.84
N GLU B 42 -7.40 -8.30 -12.74
CA GLU B 42 -8.03 -7.11 -12.20
C GLU B 42 -7.01 -6.01 -11.88
N PHE B 43 -5.83 -6.41 -11.42
CA PHE B 43 -4.73 -5.46 -11.20
C PHE B 43 -4.23 -4.91 -12.53
N GLN B 44 -4.03 -5.79 -13.49
CA GLN B 44 -3.45 -5.39 -14.77
C GLN B 44 -4.37 -4.43 -15.48
N SER B 45 -5.65 -4.75 -15.49
CA SER B 45 -6.69 -3.88 -16.03
C SER B 45 -6.68 -2.45 -15.44
N VAL B 46 -6.68 -2.34 -14.12
CA VAL B 46 -6.70 -1.05 -13.47
C VAL B 46 -5.45 -0.25 -13.80
N GLU B 47 -4.30 -0.92 -13.76
CA GLU B 47 -3.05 -0.31 -14.18
C GLU B 47 -3.14 0.15 -15.63
N GLU B 48 -3.70 -0.68 -16.49
CA GLU B 48 -3.74 -0.36 -17.92
C GLU B 48 -4.56 0.91 -18.11
N GLU B 49 -5.61 1.04 -17.31
CA GLU B 49 -6.48 2.21 -17.33
C GLU B 49 -5.76 3.45 -16.83
N MET B 50 -4.88 3.30 -15.82
CA MET B 50 -4.02 4.40 -15.35
C MET B 50 -3.08 4.82 -16.44
N GLN B 51 -2.34 3.84 -16.97
CA GLN B 51 -1.23 4.12 -17.88
C GLN B 51 -1.72 4.63 -19.22
N SER B 52 -2.76 4.00 -19.78
CA SER B 52 -3.22 4.39 -21.12
C SER B 52 -3.97 5.73 -21.14
N THR B 53 -4.38 6.27 -20.00
CA THR B 53 -5.05 7.55 -19.97
C THR B 53 -4.20 8.73 -19.46
N VAL B 54 -2.87 8.57 -19.51
CA VAL B 54 -1.95 9.71 -19.36
C VAL B 54 -1.95 10.54 -20.64
N ARG B 55 -2.00 11.85 -20.47
CA ARG B 55 -1.85 12.76 -21.59
C ARG B 55 -0.96 13.89 -21.16
N GLU B 56 -0.56 14.71 -22.13
CA GLU B 56 0.08 16.01 -21.84
C GLU B 56 -0.93 17.02 -21.36
N HIS B 57 -0.48 17.93 -20.49
CA HIS B 57 -1.31 18.97 -19.95
C HIS B 57 -0.83 20.35 -20.38
N ARG B 58 -1.78 21.24 -20.59
CA ARG B 58 -1.49 22.57 -21.14
C ARG B 58 -0.65 23.44 -20.19
N ASP B 59 -0.58 23.03 -18.92
CA ASP B 59 0.25 23.70 -17.95
C ASP B 59 1.68 23.24 -17.99
N GLY B 60 2.00 22.31 -18.89
CA GLY B 60 3.37 21.82 -19.06
C GLY B 60 3.91 21.11 -17.82
N GLY B 61 3.02 20.56 -16.99
CA GLY B 61 3.44 19.85 -15.77
C GLY B 61 3.35 20.62 -14.47
N HIS B 62 3.10 21.93 -14.54
CA HIS B 62 3.07 22.76 -13.33
C HIS B 62 2.34 22.07 -12.19
N ALA B 63 1.12 21.62 -12.42
CA ALA B 63 0.25 21.15 -11.34
C ALA B 63 0.54 19.71 -10.90
N GLY B 64 0.75 18.82 -11.85
CA GLY B 64 0.89 17.39 -11.59
C GLY B 64 2.26 16.80 -11.79
N GLY B 65 3.13 17.53 -12.46
CA GLY B 65 4.49 17.07 -12.71
C GLY B 65 4.71 16.66 -14.13
N ILE B 66 5.96 16.33 -14.46
CA ILE B 66 6.32 16.02 -15.83
C ILE B 66 6.58 14.54 -15.91
N PHE B 67 5.79 13.84 -16.72
CA PHE B 67 5.85 12.41 -16.84
C PHE B 67 4.98 11.92 -17.99
N ASN B 68 5.34 10.78 -18.55
CA ASN B 68 4.51 10.07 -19.51
C ASN B 68 3.87 8.83 -18.93
N ARG B 69 4.32 8.40 -17.74
CA ARG B 69 3.80 7.18 -17.15
C ARG B 69 4.07 7.06 -15.66
N TYR B 70 3.43 6.07 -15.05
CA TYR B 70 3.53 5.87 -13.63
C TYR B 70 4.27 4.58 -13.32
N ASN B 71 4.83 4.52 -12.12
CA ASN B 71 5.30 3.28 -11.49
C ASN B 71 4.24 2.89 -10.49
N ILE B 72 3.43 1.88 -10.82
CA ILE B 72 2.36 1.45 -9.90
C ILE B 72 2.94 0.65 -8.74
N LEU B 73 2.77 1.14 -7.52
CA LEU B 73 3.32 0.52 -6.33
C LEU B 73 2.31 -0.45 -5.68
N LYS B 74 1.02 -0.22 -5.87
CA LYS B 74 -0.01 -0.98 -5.18
C LYS B 74 -1.37 -0.64 -5.70
N ILE B 75 -2.23 -1.66 -5.83
CA ILE B 75 -3.66 -1.43 -6.11
C ILE B 75 -4.47 -2.18 -5.05
N GLN B 76 -5.35 -1.47 -4.36
CA GLN B 76 -6.19 -2.08 -3.33
C GLN B 76 -7.68 -1.88 -3.58
N LYS B 77 -8.45 -2.97 -3.40
CA LYS B 77 -9.91 -2.98 -3.39
C LYS B 77 -10.40 -2.35 -2.08
N VAL B 78 -11.29 -1.36 -2.15
CA VAL B 78 -11.84 -0.72 -0.97
C VAL B 78 -13.21 -1.34 -0.68
N CYS B 79 -13.37 -1.88 0.51
CA CYS B 79 -14.58 -2.66 0.82
C CYS B 79 -15.25 -2.09 2.04
N ASN B 80 -16.47 -1.61 1.86
CA ASN B 80 -17.22 -1.01 2.96
C ASN B 80 -18.64 -1.31 2.63
N LYS B 81 -19.26 -2.13 3.45
CA LYS B 81 -20.61 -2.58 3.21
C LYS B 81 -21.57 -1.41 3.24
N LYS B 82 -21.45 -0.53 4.25
CA LYS B 82 -22.45 0.54 4.40
C LYS B 82 -22.34 1.56 3.27
N LEU B 83 -21.11 1.87 2.84
CA LEU B 83 -20.91 2.83 1.78
C LEU B 83 -21.38 2.24 0.46
N TRP B 84 -21.11 0.95 0.27
CA TRP B 84 -21.55 0.28 -0.93
C TRP B 84 -23.06 0.26 -1.04
N GLU B 85 -23.73 -0.12 0.04
CA GLU B 85 -25.19 -0.17 0.05
C GLU B 85 -25.80 1.21 -0.22
N ARG B 86 -25.16 2.24 0.30
CA ARG B 86 -25.59 3.61 0.11
C ARG B 86 -25.48 3.99 -1.36
N TYR B 87 -24.35 3.65 -1.98
CA TYR B 87 -24.11 3.83 -3.41
C TYR B 87 -25.13 3.07 -4.23
N THR B 88 -25.31 1.77 -3.93
CA THR B 88 -26.21 0.93 -4.75
C THR B 88 -27.66 1.37 -4.62
N HIS B 89 -28.01 1.97 -3.48
CA HIS B 89 -29.35 2.50 -3.24
C HIS B 89 -29.60 3.73 -4.09
N ARG B 90 -28.63 4.65 -4.12
CA ARG B 90 -28.75 5.83 -4.94
C ARG B 90 -28.72 5.49 -6.43
N ARG B 91 -27.90 4.52 -6.80
CA ARG B 91 -27.81 4.06 -8.17
C ARG B 91 -29.19 3.59 -8.67
N LYS B 92 -29.89 2.79 -7.87
CA LYS B 92 -31.23 2.31 -8.21
C LYS B 92 -32.19 3.49 -8.44
N GLU B 93 -32.19 4.44 -7.52
CA GLU B 93 -33.03 5.63 -7.67
C GLU B 93 -32.75 6.29 -8.99
N VAL B 94 -31.48 6.61 -9.24
CA VAL B 94 -31.07 7.32 -10.46
C VAL B 94 -31.47 6.51 -11.70
N SER B 95 -31.17 5.22 -11.66
CA SER B 95 -31.47 4.26 -12.73
C SER B 95 -32.95 4.31 -13.14
N GLU B 96 -33.82 4.28 -12.14
CA GLU B 96 -35.27 4.37 -12.34
C GLU B 96 -35.72 5.74 -12.82
N GLU B 97 -35.12 6.81 -12.30
CA GLU B 97 -35.44 8.15 -12.80
C GLU B 97 -34.98 8.38 -14.25
N ASN B 98 -34.05 7.56 -14.72
CA ASN B 98 -33.47 7.69 -16.05
C ASN B 98 -33.88 6.49 -16.90
N HIS B 99 -35.01 5.89 -16.57
CA HIS B 99 -35.63 4.81 -17.33
C HIS B 99 -34.70 3.64 -17.50
N ASN B 100 -34.31 3.09 -16.35
CA ASN B 100 -33.44 1.92 -16.22
C ASN B 100 -32.05 2.03 -16.85
N HIS B 101 -31.40 3.15 -16.60
CA HIS B 101 -30.05 3.36 -17.04
C HIS B 101 -29.28 4.18 -16.05
N ALA B 102 -28.54 3.51 -15.18
CA ALA B 102 -27.65 4.14 -14.19
C ALA B 102 -26.58 5.00 -14.86
N ASN B 103 -26.22 4.63 -16.09
CA ASN B 103 -25.17 5.28 -16.82
C ASN B 103 -23.90 5.29 -15.95
N GLU B 104 -23.54 4.11 -15.48
CA GLU B 104 -22.44 3.93 -14.57
C GLU B 104 -21.08 3.84 -15.29
N ARG B 105 -20.10 4.57 -14.75
CA ARG B 105 -18.72 4.61 -15.28
C ARG B 105 -17.65 4.26 -14.23
N MET B 106 -16.45 3.98 -14.74
CA MET B 106 -15.25 3.89 -13.92
C MET B 106 -14.37 5.10 -14.31
N LEU B 107 -14.07 5.90 -13.27
CA LEU B 107 -13.46 7.21 -13.42
C LEU B 107 -12.46 7.51 -12.28
N PHE B 108 -11.54 8.45 -12.48
CA PHE B 108 -10.50 8.73 -11.49
C PHE B 108 -10.86 9.91 -10.63
N HIS B 109 -10.33 9.89 -9.41
CA HIS B 109 -10.41 11.02 -8.51
C HIS B 109 -9.17 11.16 -7.67
N GLY B 110 -8.55 12.33 -7.76
CA GLY B 110 -7.35 12.68 -7.01
C GLY B 110 -7.71 13.70 -5.96
N SER B 111 -7.18 13.55 -4.75
CA SER B 111 -7.52 14.44 -3.63
C SER B 111 -6.52 14.37 -2.47
N PRO B 112 -6.26 15.48 -1.83
CA PRO B 112 -5.58 15.34 -0.53
C PRO B 112 -6.36 14.46 0.51
N PHE B 113 -7.69 14.38 0.44
CA PHE B 113 -8.47 13.69 1.47
C PHE B 113 -8.83 12.23 1.11
N VAL B 114 -8.04 11.60 0.26
CA VAL B 114 -8.26 10.21 -0.14
C VAL B 114 -8.52 9.31 1.07
N ASN B 115 -7.77 9.52 2.15
CA ASN B 115 -7.92 8.67 3.33
C ASN B 115 -9.25 8.87 4.06
N ALA B 116 -9.82 10.05 4.03
CA ALA B 116 -11.15 10.24 4.57
C ALA B 116 -12.22 9.70 3.63
N ILE B 117 -11.96 9.77 2.31
CA ILE B 117 -12.93 9.28 1.34
C ILE B 117 -13.12 7.79 1.45
N ILE B 118 -12.03 7.04 1.59
CA ILE B 118 -12.16 5.57 1.65
C ILE B 118 -12.83 5.08 2.94
N HIS B 119 -12.81 5.88 4.00
CA HIS B 119 -13.46 5.54 5.27
C HIS B 119 -14.83 6.10 5.43
N LYS B 120 -15.04 7.36 5.04
CA LYS B 120 -16.31 8.03 5.29
C LYS B 120 -17.14 8.27 4.00
N GLY B 121 -16.54 8.01 2.83
CA GLY B 121 -17.25 8.18 1.55
C GLY B 121 -17.16 9.61 1.08
N PHE B 122 -17.69 9.88 -0.11
CA PHE B 122 -17.71 11.25 -0.65
C PHE B 122 -18.83 12.09 -0.01
N ASP B 123 -18.56 13.37 0.19
CA ASP B 123 -19.58 14.36 0.60
C ASP B 123 -19.13 15.78 0.18
N GLU B 124 -19.81 16.82 0.66
CA GLU B 124 -19.62 18.20 0.13
C GLU B 124 -18.25 18.84 0.37
N ARG B 125 -17.54 18.44 1.42
CA ARG B 125 -16.18 18.99 1.58
C ARG B 125 -15.19 18.35 0.59
N HIS B 126 -15.70 17.46 -0.27
CA HIS B 126 -14.94 16.93 -1.44
C HIS B 126 -15.36 17.63 -2.72
N ALA B 127 -16.37 18.49 -2.61
CA ALA B 127 -16.85 19.33 -3.71
C ALA B 127 -15.86 20.45 -4.02
N TYR B 128 -15.76 20.75 -5.31
CA TYR B 128 -14.89 21.77 -5.84
C TYR B 128 -15.69 23.05 -6.00
N ILE B 129 -15.57 23.94 -5.03
CA ILE B 129 -16.39 25.16 -4.95
C ILE B 129 -16.25 26.03 -6.20
N GLY B 130 -15.02 26.26 -6.66
CA GLY B 130 -14.74 27.11 -7.80
C GLY B 130 -14.65 26.38 -9.14
N GLY B 131 -15.31 25.23 -9.26
CA GLY B 131 -15.26 24.47 -10.49
C GLY B 131 -16.04 25.04 -11.65
N MET B 132 -15.49 24.89 -12.86
CA MET B 132 -16.12 25.38 -14.09
C MET B 132 -17.56 24.94 -14.28
N PHE B 133 -17.90 23.74 -13.82
CA PHE B 133 -19.24 23.17 -13.95
C PHE B 133 -20.02 23.18 -12.62
N GLY B 134 -19.67 24.09 -11.72
CA GLY B 134 -20.41 24.29 -10.48
C GLY B 134 -19.83 23.49 -9.33
N ALA B 135 -20.37 23.71 -8.13
CA ALA B 135 -19.82 23.18 -6.89
C ALA B 135 -20.23 21.73 -6.64
N GLY B 136 -19.68 20.79 -7.39
CA GLY B 136 -19.87 19.37 -7.08
C GLY B 136 -18.57 18.60 -7.01
N ILE B 137 -18.68 17.28 -7.07
CA ILE B 137 -17.52 16.42 -6.97
C ILE B 137 -17.10 16.01 -8.39
N TYR B 138 -15.80 16.22 -8.68
CA TYR B 138 -15.22 16.08 -10.01
C TYR B 138 -14.46 14.79 -10.20
N PHE B 139 -14.59 14.19 -11.39
CA PHE B 139 -13.97 12.93 -11.78
C PHE B 139 -13.39 13.06 -13.17
N ALA B 140 -12.34 12.31 -13.49
CA ALA B 140 -11.70 12.43 -14.81
C ALA B 140 -11.54 11.09 -15.51
N GLU B 141 -11.62 11.14 -16.84
CA GLU B 141 -11.22 9.99 -17.67
C GLU B 141 -9.68 9.89 -17.83
N ASN B 142 -8.97 11.03 -17.82
CA ASN B 142 -7.48 10.99 -17.81
C ASN B 142 -6.93 10.83 -16.37
N SER B 143 -6.26 9.72 -16.10
CA SER B 143 -5.63 9.56 -14.80
C SER B 143 -4.78 10.79 -14.50
N SER B 144 -4.07 11.26 -15.51
CA SER B 144 -3.18 12.38 -15.36
C SER B 144 -3.89 13.68 -15.04
N LYS B 145 -5.18 13.82 -15.41
CA LYS B 145 -5.98 14.96 -14.90
C LYS B 145 -6.17 14.85 -13.39
N SER B 146 -6.64 13.69 -12.93
CA SER B 146 -6.79 13.47 -11.50
C SER B 146 -5.46 13.61 -10.74
N ASN B 147 -4.33 13.29 -11.38
CA ASN B 147 -3.03 13.37 -10.68
C ASN B 147 -2.69 14.81 -10.34
N GLN B 148 -3.29 15.75 -11.05
CA GLN B 148 -3.09 17.17 -10.82
C GLN B 148 -3.75 17.63 -9.52
N TYR B 149 -4.64 16.82 -8.94
CA TYR B 149 -5.37 17.22 -7.72
C TYR B 149 -4.92 16.50 -6.46
N VAL B 150 -3.93 15.61 -6.61
CA VAL B 150 -3.57 14.68 -5.56
C VAL B 150 -2.94 15.47 -4.41
N TYR B 151 -2.15 16.50 -4.71
CA TYR B 151 -1.63 17.38 -3.66
C TYR B 151 -2.44 18.66 -3.45
N GLY B 152 -3.68 18.69 -3.93
CA GLY B 152 -4.58 19.85 -3.76
C GLY B 152 -4.89 20.52 -5.09
N ILE B 153 -5.81 21.49 -5.09
CA ILE B 153 -6.13 22.31 -6.28
C ILE B 153 -4.84 22.89 -6.86
N GLY B 154 -4.66 22.72 -8.16
CA GLY B 154 -3.50 23.23 -8.85
C GLY B 154 -2.23 22.51 -8.44
N GLY B 155 -2.40 21.40 -7.73
CA GLY B 155 -1.26 20.68 -7.18
C GLY B 155 -0.72 21.15 -5.85
N GLY B 156 -1.39 22.11 -5.22
CA GLY B 156 -0.99 22.63 -3.91
C GLY B 156 0.45 23.09 -3.93
N THR B 157 1.21 22.74 -2.90
CA THR B 157 2.65 23.05 -2.83
C THR B 157 3.47 21.82 -3.14
N GLY B 158 2.79 20.78 -3.58
CA GLY B 158 3.46 19.56 -4.00
C GLY B 158 3.52 18.56 -2.88
N CYS B 159 4.46 17.64 -2.98
CA CYS B 159 4.51 16.59 -1.99
C CYS B 159 4.78 17.28 -0.68
N PRO B 160 4.36 16.65 0.42
CA PRO B 160 4.65 17.25 1.72
C PRO B 160 6.16 17.21 2.12
N VAL B 161 6.92 16.23 1.67
CA VAL B 161 8.33 16.12 2.06
C VAL B 161 9.21 17.14 1.33
N HIS B 162 9.05 17.27 0.01
CA HIS B 162 9.90 18.18 -0.79
C HIS B 162 9.26 19.41 -1.32
N LYS B 163 7.97 19.61 -1.07
CA LYS B 163 7.24 20.74 -1.66
C LYS B 163 7.43 20.79 -3.18
N ASP B 164 7.39 19.61 -3.79
CA ASP B 164 7.64 19.48 -5.20
C ASP B 164 6.48 18.79 -5.95
N ARG B 165 5.77 19.56 -6.76
CA ARG B 165 4.63 19.09 -7.55
C ARG B 165 5.03 18.05 -8.58
N SER B 166 6.30 17.99 -8.93
CA SER B 166 6.81 16.96 -9.81
C SER B 166 7.63 15.88 -9.11
N CYS B 167 7.56 15.80 -7.79
CA CYS B 167 8.33 14.80 -7.06
C CYS B 167 8.19 13.43 -7.67
N TYR B 168 9.33 12.85 -8.02
CA TYR B 168 9.42 11.47 -8.49
C TYR B 168 9.70 10.44 -7.39
N ILE B 169 9.85 10.88 -6.14
CA ILE B 169 10.27 10.03 -5.02
C ILE B 169 9.02 9.66 -4.18
N CYS B 170 8.29 10.69 -3.78
CA CYS B 170 7.16 10.48 -2.88
C CYS B 170 6.02 9.70 -3.54
N HIS B 171 5.29 9.01 -2.69
CA HIS B 171 4.22 8.11 -3.07
C HIS B 171 2.95 8.88 -3.19
N ARG B 172 2.32 8.82 -4.35
CA ARG B 172 1.02 9.44 -4.58
C ARG B 172 -0.08 8.38 -4.49
N GLN B 173 -1.29 8.80 -4.16
CA GLN B 173 -2.49 7.92 -4.28
C GLN B 173 -3.64 8.57 -5.07
N LEU B 174 -4.31 7.77 -5.90
CA LEU B 174 -5.52 8.17 -6.62
C LEU B 174 -6.59 7.14 -6.29
N LEU B 175 -7.86 7.54 -6.41
CA LEU B 175 -8.96 6.58 -6.42
C LEU B 175 -9.45 6.26 -7.82
N PHE B 176 -9.81 5.00 -8.10
CA PHE B 176 -10.50 4.64 -9.33
C PHE B 176 -11.90 4.21 -8.89
N CYS B 177 -12.89 5.05 -9.24
CA CYS B 177 -14.22 5.01 -8.63
C CYS B 177 -15.37 4.60 -9.58
N ARG B 178 -16.39 4.00 -9.00
CA ARG B 178 -17.58 3.69 -9.73
C ARG B 178 -18.45 4.95 -9.59
N VAL B 179 -18.87 5.53 -10.71
CA VAL B 179 -19.64 6.78 -10.67
C VAL B 179 -20.94 6.60 -11.43
N THR B 180 -22.06 6.93 -10.78
CA THR B 180 -23.36 6.95 -11.45
C THR B 180 -23.63 8.34 -12.05
N LEU B 181 -23.64 8.44 -13.38
CA LEU B 181 -23.95 9.70 -14.09
C LEU B 181 -25.44 9.98 -14.33
N GLY B 182 -26.27 8.91 -14.31
CA GLY B 182 -27.65 8.98 -14.77
C GLY B 182 -27.78 9.77 -16.06
N LYS B 183 -28.75 10.69 -16.10
CA LYS B 183 -28.88 11.63 -17.23
C LYS B 183 -27.84 12.74 -17.09
N SER B 184 -26.80 12.70 -17.92
CA SER B 184 -25.71 13.67 -17.80
C SER B 184 -25.94 14.84 -18.72
N PHE B 185 -25.89 16.05 -18.16
CA PHE B 185 -26.00 17.28 -18.92
C PHE B 185 -24.68 17.56 -19.62
N LEU B 186 -24.72 17.62 -20.95
CA LEU B 186 -23.51 17.80 -21.73
C LEU B 186 -23.10 19.26 -21.80
N GLN B 187 -21.93 19.56 -21.28
CA GLN B 187 -21.38 20.91 -21.33
C GLN B 187 -20.04 20.91 -22.05
N PHE B 188 -19.96 21.57 -23.20
CA PHE B 188 -18.71 21.66 -23.89
C PHE B 188 -17.93 22.75 -23.21
N SER B 189 -16.62 22.56 -23.13
CA SER B 189 -15.72 23.50 -22.49
C SER B 189 -14.76 24.06 -23.51
N ALA B 190 -14.12 25.16 -23.15
CA ALA B 190 -13.14 25.77 -24.05
C ALA B 190 -11.68 25.28 -23.80
N MET B 191 -11.54 24.20 -23.02
CA MET B 191 -10.25 23.59 -22.75
C MET B 191 -9.92 22.55 -23.83
N LYS B 192 -8.89 21.86 -23.75
N MET B 193 -22.40 22.73 -1.63
CA MET B 193 -22.50 21.78 -2.78
C MET B 193 -23.79 22.04 -3.60
N ALA B 194 -23.61 22.49 -4.85
CA ALA B 194 -24.73 22.91 -5.73
C ALA B 194 -25.63 21.75 -6.14
N HIS B 195 -26.67 22.09 -6.92
CA HIS B 195 -27.64 21.11 -7.37
C HIS B 195 -27.36 20.70 -8.78
N SER B 196 -27.85 19.50 -9.10
CA SER B 196 -27.82 19.02 -10.46
C SER B 196 -28.70 19.90 -11.35
N PRO B 197 -28.30 20.08 -12.63
CA PRO B 197 -29.17 20.86 -13.51
C PRO B 197 -30.55 20.22 -13.53
N PRO B 198 -31.60 21.04 -13.65
CA PRO B 198 -32.93 20.46 -13.68
C PRO B 198 -33.06 19.29 -14.67
N GLY B 199 -33.61 18.20 -14.19
CA GLY B 199 -33.85 17.04 -15.03
C GLY B 199 -32.63 16.16 -15.14
N HIS B 200 -31.50 16.57 -14.58
CA HIS B 200 -30.24 15.83 -14.76
C HIS B 200 -29.66 15.32 -13.46
N HIS B 201 -28.80 14.31 -13.58
CA HIS B 201 -28.13 13.67 -12.43
C HIS B 201 -26.66 13.99 -12.33
N SER B 202 -26.08 14.57 -13.37
CA SER B 202 -24.66 14.88 -13.38
C SER B 202 -24.38 15.83 -14.50
N VAL B 203 -23.13 16.29 -14.61
CA VAL B 203 -22.69 17.08 -15.75
C VAL B 203 -21.44 16.46 -16.36
N THR B 204 -21.42 16.34 -17.68
CA THR B 204 -20.27 15.93 -18.45
C THR B 204 -19.64 17.22 -19.00
N GLY B 205 -18.39 17.50 -18.58
CA GLY B 205 -17.60 18.60 -19.10
C GLY B 205 -16.64 18.06 -20.13
N ARG B 206 -16.87 18.39 -21.39
CA ARG B 206 -16.18 17.78 -22.49
C ARG B 206 -15.31 18.81 -23.25
N PRO B 207 -14.00 18.66 -23.18
CA PRO B 207 -13.11 19.57 -23.89
C PRO B 207 -13.39 19.63 -25.38
N SER B 208 -13.53 20.86 -25.90
CA SER B 208 -13.80 21.09 -27.32
C SER B 208 -12.59 21.61 -28.11
N VAL B 209 -11.56 22.11 -27.44
CA VAL B 209 -10.31 22.57 -28.14
C VAL B 209 -9.22 21.48 -28.19
N ASN B 210 -8.79 20.99 -27.03
CA ASN B 210 -7.82 19.87 -27.03
C ASN B 210 -8.51 18.57 -27.39
N GLY B 211 -8.30 18.13 -28.64
CA GLY B 211 -8.93 16.91 -29.15
C GLY B 211 -8.42 15.65 -28.47
N LEU B 212 -7.31 15.75 -27.73
CA LEU B 212 -6.80 14.57 -27.03
C LEU B 212 -7.23 14.54 -25.58
N ALA B 213 -7.87 15.60 -25.12
CA ALA B 213 -8.25 15.70 -23.73
C ALA B 213 -9.58 15.01 -23.50
N LEU B 214 -9.60 14.04 -22.59
CA LEU B 214 -10.82 13.27 -22.33
C LEU B 214 -11.80 14.02 -21.39
N ALA B 215 -13.00 13.47 -21.22
CA ALA B 215 -14.07 14.17 -20.48
C ALA B 215 -13.87 14.25 -18.95
N GLU B 216 -14.62 15.15 -18.31
CA GLU B 216 -14.69 15.28 -16.85
C GLU B 216 -16.14 15.22 -16.41
N TYR B 217 -16.40 14.67 -15.23
CA TYR B 217 -17.75 14.50 -14.77
C TYR B 217 -17.94 15.09 -13.35
N VAL B 218 -19.08 15.73 -13.13
CA VAL B 218 -19.45 16.27 -11.84
C VAL B 218 -20.74 15.64 -11.36
N ILE B 219 -20.70 15.19 -10.10
CA ILE B 219 -21.88 14.72 -9.40
C ILE B 219 -22.15 15.63 -8.22
N TYR B 220 -23.39 15.69 -7.78
CA TYR B 220 -23.79 16.64 -6.75
C TYR B 220 -24.29 15.89 -5.51
N ARG B 221 -24.06 14.58 -5.47
CA ARG B 221 -24.43 13.74 -4.34
C ARG B 221 -23.28 12.82 -4.10
N GLY B 222 -22.75 12.79 -2.88
CA GLY B 222 -21.65 11.90 -2.58
C GLY B 222 -22.02 10.44 -2.76
N GLU B 223 -23.29 10.12 -2.59
CA GLU B 223 -23.78 8.73 -2.73
C GLU B 223 -23.70 8.26 -4.18
N GLN B 224 -23.46 9.16 -5.12
CA GLN B 224 -23.35 8.76 -6.52
C GLN B 224 -21.96 8.27 -6.93
N ALA B 225 -21.03 8.11 -5.99
CA ALA B 225 -19.72 7.57 -6.31
C ALA B 225 -19.23 6.64 -5.21
N TYR B 226 -18.64 5.51 -5.59
CA TYR B 226 -18.02 4.59 -4.65
C TYR B 226 -16.52 4.48 -5.01
N PRO B 227 -15.62 4.73 -4.04
CA PRO B 227 -14.18 4.68 -4.26
C PRO B 227 -13.68 3.25 -4.29
N GLU B 228 -13.65 2.64 -5.45
CA GLU B 228 -13.55 1.19 -5.50
C GLU B 228 -12.12 0.70 -5.43
N TYR B 229 -11.20 1.41 -6.09
CA TYR B 229 -9.80 1.03 -6.11
C TYR B 229 -8.96 2.16 -5.53
N LEU B 230 -8.03 1.83 -4.66
CA LEU B 230 -7.05 2.79 -4.15
C LEU B 230 -5.72 2.44 -4.82
N ILE B 231 -5.17 3.36 -5.60
CA ILE B 231 -3.97 3.12 -6.39
C ILE B 231 -2.89 3.96 -5.79
N THR B 232 -1.75 3.32 -5.47
CA THR B 232 -0.58 3.99 -4.93
C THR B 232 0.53 3.88 -5.99
N TYR B 233 1.18 5.01 -6.28
CA TYR B 233 2.04 5.10 -7.46
C TYR B 233 2.99 6.25 -7.32
N GLN B 234 4.03 6.23 -8.14
CA GLN B 234 4.86 7.41 -8.41
C GLN B 234 4.72 7.75 -9.87
N ILE B 235 4.88 9.03 -10.18
CA ILE B 235 5.08 9.46 -11.57
C ILE B 235 6.53 9.12 -11.85
N MET B 236 6.83 8.80 -13.10
CA MET B 236 8.21 8.49 -13.51
C MET B 236 8.86 9.60 -14.35
N ARG B 237 10.09 9.95 -14.01
CA ARG B 237 10.84 10.97 -14.77
C ARG B 237 11.09 10.46 -16.20
N PRO B 238 10.70 11.22 -17.22
CA PRO B 238 10.96 10.74 -18.58
C PRO B 238 12.46 10.68 -18.87
N GLU B 239 12.91 9.69 -19.65
CA GLU B 239 14.34 9.57 -20.01
C GLU B 239 14.76 10.57 -21.08
ZN ZN C . -4.64 -24.82 9.51
S SO4 D . -1.51 -2.79 6.71
O1 SO4 D . -0.33 -1.95 6.63
O2 SO4 D . -1.17 -4.20 6.88
O3 SO4 D . -2.21 -2.65 5.42
O4 SO4 D . -2.33 -2.26 7.85
S SO4 E . -7.88 -11.44 23.16
O1 SO4 E . -7.65 -11.30 24.62
O2 SO4 E . -7.19 -12.68 22.66
O3 SO4 E . -7.28 -10.25 22.49
O4 SO4 E . -9.36 -11.50 22.91
OAA LDR F . 8.21 -10.37 7.12
CAB LDR F . 8.09 -11.99 1.47
CAC LDR F . 7.18 -6.51 5.83
CAD LDR F . 7.76 -10.77 0.90
CAE LDR F . 6.99 -6.28 4.47
CAF LDR F . 8.25 -12.12 2.84
CAG LDR F . 7.51 -7.77 6.32
CAH LDR F . 7.55 -9.65 1.69
CAI LDR F . 7.14 -7.30 3.54
NAJ LDR F . 8.21 -11.16 5.01
CAK LDR F . 8.05 -10.16 5.89
CAL LDR F . 8.06 -11.04 3.68
CAM LDR F . 7.67 -8.81 5.43
CAN LDR F . 7.70 -9.73 3.08
CAO LDR F . 7.50 -8.57 3.98
C1 PEG G . 26.74 -18.16 16.48
O1 PEG G . 27.04 -19.56 16.40
C2 PEG G . 25.55 -17.87 17.41
O2 PEG G . 25.04 -16.55 17.15
C3 PEG G . 24.49 -15.86 18.29
C4 PEG G . 24.58 -14.34 18.12
O4 PEG G . 24.76 -13.65 19.37
ZN ZN H . 8.50 14.47 -2.49
S SO4 I . -5.10 20.80 -19.04
O1 SO4 I . -4.20 20.70 -17.92
O2 SO4 I . -6.36 20.14 -18.69
O3 SO4 I . -4.48 20.17 -20.24
O4 SO4 I . -5.33 22.21 -19.24
S SO4 J . 9.43 7.69 -20.63
O1 SO4 J . 10.91 7.67 -20.69
O2 SO4 J . 8.77 6.60 -21.40
O3 SO4 J . 9.04 9.01 -21.20
O4 SO4 J . 8.97 7.58 -19.22
OAA LDR K . -9.73 14.14 -9.64
CAB LDR K . -10.84 18.59 -5.96
CAC LDR K . -10.96 16.69 -12.78
CAD LDR K . -11.25 19.54 -6.88
CAE LDR K . -11.37 17.98 -12.48
CAF LDR K . -10.47 17.31 -6.38
CAG LDR K . -10.56 15.79 -11.78
CAH LDR K . -11.31 19.22 -8.24
CAI LDR K . -11.36 18.43 -11.16
NAJ LDR K . -10.10 15.71 -8.10
CAK LDR K . -10.10 15.30 -9.37
CAL LDR K . -10.48 16.96 -7.73
CAM LDR K . -10.53 16.21 -10.47
CAN LDR K . -10.94 17.95 -8.71
CAO LDR K . -10.95 17.58 -10.14
C1 PEG L . -18.31 -3.98 -1.97
O1 PEG L . -17.70 -3.83 -0.68
C2 PEG L . -17.26 -4.36 -3.00
O2 PEG L . -17.42 -3.54 -4.15
C3 PEG L . -17.08 -4.17 -5.40
C4 PEG L . -18.36 -4.67 -6.07
O4 PEG L . -18.08 -5.01 -7.44
C1 GOL M . -32.58 6.53 -21.68
O1 GOL M . -32.99 5.69 -20.59
C2 GOL M . -32.90 7.97 -21.36
O2 GOL M . -33.53 8.57 -22.51
C3 GOL M . -31.65 8.73 -20.89
O3 GOL M . -30.83 9.19 -21.96
C1 GOL N . 2.07 16.30 -18.51
O1 GOL N . 1.78 14.91 -18.17
C2 GOL N . 3.29 16.47 -19.44
O2 GOL N . 4.49 15.93 -18.84
C3 GOL N . 3.51 17.94 -19.79
O3 GOL N . 4.28 18.02 -21.01
#